data_7PDT
#
_entry.id   7PDT
#
_cell.length_a   63.392
_cell.length_b   68.526
_cell.length_c   109.717
_cell.angle_alpha   90.000
_cell.angle_beta   90.000
_cell.angle_gamma   90.000
#
_symmetry.space_group_name_H-M   'P 21 21 21'
#
loop_
_entity.id
_entity.type
_entity.pdbx_description
1 polymer 'Retinoic acid receptor RXR-alpha'
2 polymer 'Nuclear receptor coactivator 2'
3 non-polymer '4-[2-(5,5,8,8-TETRAMETHYL-5,6,7,8-TETRAHYDRO-NAPHTHALEN-2-YL)-[1,3]DIOXOLAN-2-YL]-BENZOIC ACID'
4 water water
#
loop_
_entity_poly.entity_id
_entity_poly.type
_entity_poly.pdbx_seq_one_letter_code
_entity_poly.pdbx_strand_id
1 'polypeptide(L)'
;GPHMSTSSANEDMPVEKILEAELAVEPKTETYVEANMGLNPSSPNDPVTNICQAADKQLFTLVEWAKRIPHFSELPLDDQ
VILLRAGWNELLAASASHRSIAVKDGILLTTGLHVHRNSAHSAGVGAIFDRVLTELVSKMRDMQMDKTELGCLRAIVLFN
PDSKGLSNPAEVEALREKVYASLEAYCKHKYPEQPGRFAKLLLRLPALRSIGLKCLEHLFFFKLIGDTPIDTFLMEMLEA
PHQAT
;
A,B
2 'polypeptide(L)' KHKILHRLLQDSS U,V
#
loop_
_chem_comp.id
_chem_comp.type
_chem_comp.name
_chem_comp.formula
BM6 non-polymer '4-[2-(5,5,8,8-TETRAMETHYL-5,6,7,8-TETRAHYDRO-NAPHTHALEN-2-YL)-[1,3]DIOXOLAN-2-YL]-BENZOIC ACID' 'C24 H27 O4 -1'
#
# COMPACT_ATOMS: atom_id res chain seq x y z
N ASP A 12 -15.81 -21.95 2.29
CA ASP A 12 -15.73 -21.96 0.83
C ASP A 12 -14.33 -21.62 0.36
N MET A 13 -13.50 -21.10 1.26
CA MET A 13 -12.12 -20.73 0.95
C MET A 13 -11.26 -21.14 2.13
N PRO A 14 -10.85 -22.40 2.20
CA PRO A 14 -10.12 -22.90 3.36
C PRO A 14 -8.64 -22.55 3.32
N VAL A 15 -8.05 -22.41 4.51
CA VAL A 15 -6.64 -22.09 4.61
C VAL A 15 -5.78 -23.31 4.30
N GLU A 16 -6.30 -24.53 4.52
CA GLU A 16 -5.54 -25.74 4.22
C GLU A 16 -5.26 -25.84 2.73
N LYS A 17 -6.23 -25.47 1.89
CA LYS A 17 -6.02 -25.48 0.45
C LYS A 17 -5.07 -24.36 0.03
N ILE A 18 -5.10 -23.22 0.73
CA ILE A 18 -4.22 -22.10 0.40
C ILE A 18 -2.79 -22.42 0.79
N LEU A 19 -2.60 -23.00 1.98
CA LEU A 19 -1.26 -23.41 2.40
C LEU A 19 -0.73 -24.51 1.49
N GLU A 20 -1.59 -25.42 1.05
CA GLU A 20 -1.19 -26.45 0.10
C GLU A 20 -0.74 -25.83 -1.22
N ALA A 21 -1.08 -24.57 -1.48
CA ALA A 21 -0.57 -23.88 -2.66
C ALA A 21 0.83 -23.34 -2.43
N GLU A 22 1.05 -22.72 -1.26
CA GLU A 22 2.38 -22.18 -0.96
C GLU A 22 3.43 -23.27 -0.94
N LEU A 23 3.11 -24.42 -0.34
CA LEU A 23 4.06 -25.52 -0.28
C LEU A 23 4.22 -26.19 -1.64
N ALA A 24 3.19 -26.14 -2.49
CA ALA A 24 3.25 -26.79 -3.78
C ALA A 24 4.30 -26.15 -4.70
N VAL A 25 4.75 -24.94 -4.38
CA VAL A 25 5.74 -24.25 -5.20
C VAL A 25 7.02 -24.03 -4.39
N GLU A 26 7.78 -25.12 -4.19
CA GLU A 26 9.01 -25.09 -3.41
C GLU A 26 8.75 -24.59 -1.98
N ASP A 46 26.50 -8.22 -11.77
CA ASP A 46 26.29 -9.51 -11.12
C ASP A 46 24.92 -9.60 -10.43
N PRO A 47 24.61 -8.68 -9.48
CA PRO A 47 23.39 -8.86 -8.67
C PRO A 47 22.10 -8.60 -9.42
N VAL A 48 22.00 -7.42 -10.07
CA VAL A 48 20.77 -7.06 -10.77
C VAL A 48 20.45 -8.09 -11.85
N THR A 49 21.46 -8.49 -12.62
CA THR A 49 21.24 -9.49 -13.66
C THR A 49 20.77 -10.81 -13.07
N ASN A 50 21.29 -11.20 -11.90
CA ASN A 50 20.84 -12.43 -11.26
C ASN A 50 19.41 -12.29 -10.73
N ILE A 51 19.07 -11.10 -10.23
CA ILE A 51 17.72 -10.89 -9.72
C ILE A 51 16.71 -10.88 -10.86
N CYS A 52 17.11 -10.39 -12.04
CA CYS A 52 16.20 -10.41 -13.19
C CYS A 52 16.03 -11.81 -13.75
N GLN A 53 17.04 -12.67 -13.64
CA GLN A 53 16.88 -14.07 -14.01
C GLN A 53 15.97 -14.78 -13.01
N ALA A 54 16.21 -14.55 -11.72
CA ALA A 54 15.38 -15.16 -10.68
C ALA A 54 13.93 -14.70 -10.79
N ALA A 55 13.72 -13.41 -11.10
CA ALA A 55 12.36 -12.91 -11.26
C ALA A 55 11.66 -13.58 -12.44
N ASP A 56 12.37 -13.79 -13.54
CA ASP A 56 11.79 -14.46 -14.70
C ASP A 56 11.34 -15.88 -14.34
N LYS A 57 12.26 -16.68 -13.81
CA LYS A 57 11.92 -18.06 -13.45
C LYS A 57 10.83 -18.11 -12.37
N GLN A 58 10.80 -17.13 -11.47
CA GLN A 58 9.79 -17.11 -10.42
C GLN A 58 8.41 -16.75 -10.97
N LEU A 59 8.34 -16.03 -12.09
CA LEU A 59 7.05 -15.71 -12.69
C LEU A 59 6.34 -16.96 -13.17
N PHE A 60 7.09 -17.91 -13.77
CA PHE A 60 6.50 -19.19 -14.14
C PHE A 60 5.94 -19.92 -12.93
N THR A 61 6.57 -19.74 -11.78
CA THR A 61 6.11 -20.39 -10.55
C THR A 61 4.92 -19.66 -9.93
N LEU A 62 4.84 -18.33 -10.11
CA LEU A 62 3.69 -17.58 -9.65
C LEU A 62 2.41 -18.03 -10.34
N VAL A 63 2.48 -18.22 -11.67
CA VAL A 63 1.28 -18.59 -12.44
C VAL A 63 0.72 -19.92 -11.95
N GLU A 64 1.60 -20.83 -11.53
CA GLU A 64 1.14 -22.12 -11.02
C GLU A 64 0.69 -22.03 -9.57
N TRP A 65 1.25 -21.10 -8.80
CA TRP A 65 0.71 -20.84 -7.46
C TRP A 65 -0.73 -20.34 -7.53
N ALA A 66 -1.04 -19.51 -8.53
CA ALA A 66 -2.34 -18.88 -8.60
C ALA A 66 -3.44 -19.88 -8.92
N LYS A 67 -3.17 -20.84 -9.81
CA LYS A 67 -4.18 -21.83 -10.16
C LYS A 67 -4.60 -22.66 -8.95
N ARG A 68 -3.66 -22.97 -8.08
CA ARG A 68 -3.94 -23.77 -6.89
C ARG A 68 -4.63 -22.97 -5.79
N ILE A 69 -4.91 -21.69 -6.02
CA ILE A 69 -5.64 -20.86 -5.08
C ILE A 69 -7.12 -21.05 -5.36
N PRO A 70 -7.94 -21.36 -4.35
CA PRO A 70 -9.35 -21.70 -4.60
C PRO A 70 -10.10 -20.63 -5.41
N HIS A 71 -10.85 -21.11 -6.41
CA HIS A 71 -11.74 -20.34 -7.28
C HIS A 71 -11.03 -19.40 -8.23
N PHE A 72 -9.70 -19.40 -8.28
CA PHE A 72 -9.00 -18.51 -9.21
C PHE A 72 -9.22 -18.93 -10.65
N SER A 73 -9.16 -20.24 -10.92
CA SER A 73 -9.33 -20.73 -12.29
C SER A 73 -10.78 -20.78 -12.74
N GLU A 74 -11.74 -20.66 -11.82
CA GLU A 74 -13.13 -20.53 -12.24
C GLU A 74 -13.40 -19.19 -12.91
N LEU A 75 -12.51 -18.22 -12.75
CA LEU A 75 -12.67 -16.87 -13.26
C LEU A 75 -12.48 -16.82 -14.77
N PRO A 76 -13.00 -15.78 -15.42
CA PRO A 76 -12.68 -15.55 -16.83
C PRO A 76 -11.18 -15.48 -17.05
N LEU A 77 -10.72 -16.08 -18.14
CA LEU A 77 -9.29 -16.08 -18.45
C LEU A 77 -8.75 -14.67 -18.59
N ASP A 78 -9.58 -13.74 -19.08
CA ASP A 78 -9.16 -12.34 -19.17
C ASP A 78 -9.11 -11.67 -17.80
N ASP A 79 -9.85 -12.18 -16.81
CA ASP A 79 -9.69 -11.67 -15.45
C ASP A 79 -8.44 -12.23 -14.79
N GLN A 80 -8.17 -13.52 -14.99
CA GLN A 80 -6.96 -14.13 -14.48
C GLN A 80 -5.71 -13.39 -14.96
N VAL A 81 -5.71 -12.98 -16.23
CA VAL A 81 -4.59 -12.21 -16.75
C VAL A 81 -4.48 -10.88 -16.02
N ILE A 82 -5.59 -10.18 -15.84
CA ILE A 82 -5.54 -8.86 -15.21
C ILE A 82 -5.07 -8.97 -13.76
N LEU A 83 -5.47 -10.05 -13.07
CA LEU A 83 -5.14 -10.17 -11.66
C LEU A 83 -3.64 -10.41 -11.45
N LEU A 84 -3.09 -11.44 -12.09
CA LEU A 84 -1.66 -11.73 -11.95
C LEU A 84 -0.81 -10.58 -12.48
N ARG A 85 -1.22 -9.99 -13.60
CA ARG A 85 -0.42 -8.97 -14.25
C ARG A 85 -0.45 -7.64 -13.49
N ALA A 86 -1.41 -7.46 -12.58
CA ALA A 86 -1.46 -6.26 -11.78
C ALA A 86 -0.73 -6.40 -10.45
N GLY A 87 -0.49 -7.63 -9.98
CA GLY A 87 0.09 -7.81 -8.66
C GLY A 87 1.27 -8.75 -8.59
N TRP A 88 1.94 -8.99 -9.73
CA TRP A 88 3.11 -9.87 -9.68
C TRP A 88 4.30 -9.16 -9.04
N ASN A 89 4.46 -7.87 -9.31
CA ASN A 89 5.56 -7.09 -8.77
C ASN A 89 5.63 -7.12 -7.25
N GLU A 90 4.59 -7.60 -6.58
CA GLU A 90 4.55 -7.68 -5.13
C GLU A 90 4.11 -9.03 -4.59
N LEU A 91 3.53 -9.90 -5.43
CA LEU A 91 3.46 -11.31 -5.07
C LEU A 91 4.84 -11.93 -5.09
N LEU A 92 5.70 -11.50 -6.02
CA LEU A 92 7.08 -11.97 -6.04
C LEU A 92 7.88 -11.42 -4.87
N ALA A 93 7.75 -10.11 -4.61
CA ALA A 93 8.47 -9.51 -3.49
C ALA A 93 8.12 -10.20 -2.18
N ALA A 94 6.83 -10.52 -1.98
CA ALA A 94 6.43 -11.25 -0.78
C ALA A 94 7.03 -12.65 -0.77
N SER A 95 7.11 -13.30 -1.93
CA SER A 95 7.67 -14.64 -2.01
C SER A 95 9.13 -14.66 -1.55
N ALA A 96 9.94 -13.74 -2.09
CA ALA A 96 11.36 -13.71 -1.75
C ALA A 96 11.60 -13.13 -0.36
N SER A 97 10.74 -12.23 0.10
CA SER A 97 10.93 -11.65 1.43
C SER A 97 10.80 -12.72 2.51
N HIS A 98 9.76 -13.55 2.42
CA HIS A 98 9.50 -14.54 3.46
C HIS A 98 10.54 -15.66 3.42
N ARG A 99 10.99 -16.05 2.25
CA ARG A 99 12.02 -17.09 2.18
C ARG A 99 13.38 -16.58 2.61
N SER A 100 13.53 -15.26 2.78
CA SER A 100 14.78 -14.66 3.21
C SER A 100 14.82 -14.36 4.70
N ILE A 101 13.85 -14.89 5.46
CA ILE A 101 13.84 -14.66 6.91
C ILE A 101 15.11 -15.21 7.55
N ALA A 102 15.62 -16.33 7.01
CA ALA A 102 16.81 -16.93 7.60
C ALA A 102 18.06 -16.14 7.25
N VAL A 103 18.12 -15.58 6.04
CA VAL A 103 19.32 -14.87 5.61
C VAL A 103 19.41 -13.53 6.34
N LYS A 104 20.58 -13.27 6.93
CA LYS A 104 20.82 -12.04 7.66
C LYS A 104 21.41 -11.00 6.73
N ASP A 105 20.77 -9.82 6.69
CA ASP A 105 21.26 -8.69 5.90
C ASP A 105 21.45 -9.07 4.43
N GLY A 106 20.54 -9.87 3.91
CA GLY A 106 20.60 -10.30 2.53
C GLY A 106 19.31 -10.99 2.14
N ILE A 107 19.22 -11.33 0.86
CA ILE A 107 18.03 -11.93 0.29
C ILE A 107 18.41 -13.24 -0.41
N LEU A 108 17.60 -14.27 -0.18
CA LEU A 108 17.76 -15.56 -0.84
C LEU A 108 16.87 -15.58 -2.08
N LEU A 109 17.48 -15.66 -3.26
CA LEU A 109 16.72 -15.63 -4.50
C LEU A 109 16.16 -17.01 -4.84
N THR A 110 15.25 -17.04 -5.81
CA THR A 110 14.58 -18.29 -6.16
C THR A 110 15.50 -19.26 -6.89
N THR A 111 16.63 -18.78 -7.41
CA THR A 111 17.63 -19.64 -8.04
C THR A 111 18.60 -20.25 -7.03
N GLY A 112 18.36 -20.04 -5.74
CA GLY A 112 19.26 -20.47 -4.71
C GLY A 112 20.41 -19.53 -4.44
N LEU A 113 20.53 -18.45 -5.20
CA LEU A 113 21.63 -17.50 -5.05
C LEU A 113 21.29 -16.44 -4.03
N HIS A 114 22.22 -16.16 -3.13
CA HIS A 114 22.08 -15.08 -2.17
C HIS A 114 22.55 -13.76 -2.79
N VAL A 115 21.80 -12.70 -2.54
CA VAL A 115 22.23 -11.35 -2.85
C VAL A 115 22.42 -10.63 -1.52
N HIS A 116 23.64 -10.16 -1.28
CA HIS A 116 23.96 -9.53 -0.01
C HIS A 116 23.77 -8.02 -0.10
N ARG A 117 23.45 -7.42 1.05
CA ARG A 117 23.26 -5.97 1.12
C ARG A 117 24.47 -5.22 0.56
N ASN A 118 25.67 -5.74 0.82
CA ASN A 118 26.87 -5.11 0.27
C ASN A 118 26.92 -5.23 -1.24
N SER A 119 26.54 -6.40 -1.78
CA SER A 119 26.42 -6.55 -3.22
C SER A 119 25.33 -5.65 -3.79
N ALA A 120 24.32 -5.32 -2.97
CA ALA A 120 23.21 -4.49 -3.43
C ALA A 120 23.67 -3.06 -3.67
N HIS A 121 24.20 -2.39 -2.64
CA HIS A 121 24.71 -1.03 -2.79
C HIS A 121 25.74 -0.95 -3.90
N SER A 122 26.56 -2.00 -4.04
CA SER A 122 27.60 -1.98 -5.07
C SER A 122 27.01 -1.89 -6.47
N ALA A 123 25.86 -2.52 -6.69
CA ALA A 123 25.21 -2.50 -8.00
C ALA A 123 24.42 -1.22 -8.25
N GLY A 124 24.36 -0.30 -7.30
CA GLY A 124 23.61 0.92 -7.47
C GLY A 124 22.15 0.85 -7.11
N VAL A 125 21.72 -0.20 -6.40
CA VAL A 125 20.33 -0.38 -6.03
C VAL A 125 20.22 -0.61 -4.53
N GLY A 126 21.04 0.11 -3.77
CA GLY A 126 21.13 -0.16 -2.33
C GLY A 126 19.89 0.31 -1.57
N ALA A 127 19.27 1.40 -2.01
CA ALA A 127 18.19 2.00 -1.24
C ALA A 127 16.99 1.07 -1.15
N ILE A 128 16.51 0.57 -2.30
CA ILE A 128 15.32 -0.28 -2.29
C ILE A 128 15.62 -1.63 -1.66
N PHE A 129 16.83 -2.15 -1.85
CA PHE A 129 17.22 -3.38 -1.17
C PHE A 129 17.11 -3.23 0.34
N ASP A 130 17.55 -2.10 0.87
CA ASP A 130 17.45 -1.86 2.31
C ASP A 130 16.00 -1.86 2.77
N ARG A 131 15.10 -1.30 1.95
CA ARG A 131 13.70 -1.25 2.33
C ARG A 131 13.09 -2.64 2.44
N VAL A 132 13.45 -3.54 1.52
CA VAL A 132 12.96 -4.91 1.59
C VAL A 132 13.51 -5.61 2.83
N LEU A 133 14.76 -5.29 3.20
CA LEU A 133 15.35 -5.90 4.38
C LEU A 133 14.75 -5.39 5.68
N THR A 134 14.15 -4.20 5.66
CA THR A 134 13.67 -3.54 6.87
C THR A 134 12.15 -3.61 7.02
N GLU A 135 11.41 -3.24 5.97
CA GLU A 135 9.96 -3.22 6.04
C GLU A 135 9.33 -4.57 5.77
N LEU A 136 10.08 -5.53 5.22
CA LEU A 136 9.52 -6.82 4.81
C LEU A 136 10.16 -7.96 5.57
N VAL A 137 11.36 -8.38 5.15
CA VAL A 137 12.02 -9.53 5.75
C VAL A 137 12.10 -9.38 7.27
N SER A 138 12.46 -8.19 7.75
CA SER A 138 12.67 -7.99 9.17
C SER A 138 11.36 -8.12 9.96
N LYS A 139 10.24 -7.69 9.38
CA LYS A 139 8.97 -7.77 10.10
C LYS A 139 8.38 -9.17 10.07
N MET A 140 8.43 -9.85 8.92
CA MET A 140 8.05 -11.25 8.87
C MET A 140 8.87 -12.11 9.82
N ARG A 141 10.07 -11.67 10.17
CA ARG A 141 10.92 -12.38 11.12
C ARG A 141 10.47 -12.13 12.56
N ASP A 142 10.23 -10.87 12.91
CA ASP A 142 9.98 -10.53 14.31
C ASP A 142 8.62 -11.02 14.78
N MET A 143 7.64 -11.14 13.87
CA MET A 143 6.37 -11.74 14.21
C MET A 143 6.27 -13.18 13.75
N GLN A 144 7.37 -13.77 13.30
CA GLN A 144 7.47 -15.18 12.92
C GLN A 144 6.31 -15.59 12.01
N MET A 145 6.24 -14.93 10.86
CA MET A 145 5.17 -15.19 9.90
C MET A 145 5.34 -16.58 9.30
N ASP A 146 4.26 -17.35 9.27
CA ASP A 146 4.27 -18.69 8.72
C ASP A 146 3.64 -18.70 7.33
N LYS A 147 3.86 -19.81 6.61
CA LYS A 147 3.44 -19.89 5.21
C LYS A 147 1.94 -19.77 5.04
N THR A 148 1.14 -20.07 6.08
CA THR A 148 -0.30 -19.91 5.95
C THR A 148 -0.67 -18.43 5.94
N GLU A 149 -0.12 -17.65 6.88
CA GLU A 149 -0.37 -16.21 6.89
C GLU A 149 0.15 -15.57 5.61
N LEU A 150 1.38 -15.90 5.22
CA LEU A 150 1.91 -15.47 3.93
C LEU A 150 0.98 -15.87 2.78
N GLY A 151 0.48 -17.11 2.82
CA GLY A 151 -0.40 -17.56 1.75
C GLY A 151 -1.66 -16.74 1.62
N CYS A 152 -2.29 -16.41 2.76
CA CYS A 152 -3.50 -15.60 2.71
C CYS A 152 -3.18 -14.16 2.35
N LEU A 153 -2.07 -13.62 2.86
CA LEU A 153 -1.65 -12.27 2.48
C LEU A 153 -1.43 -12.17 0.97
N ARG A 154 -0.82 -13.19 0.38
CA ARG A 154 -0.62 -13.20 -1.07
C ARG A 154 -1.95 -13.34 -1.80
N ALA A 155 -2.84 -14.21 -1.31
CA ALA A 155 -4.15 -14.35 -1.93
C ALA A 155 -4.92 -13.03 -1.90
N ILE A 156 -4.86 -12.32 -0.78
CA ILE A 156 -5.47 -11.00 -0.69
C ILE A 156 -4.88 -10.07 -1.74
N VAL A 157 -3.58 -10.21 -2.01
CA VAL A 157 -2.94 -9.41 -3.06
C VAL A 157 -3.41 -9.84 -4.44
N LEU A 158 -3.55 -11.16 -4.65
CA LEU A 158 -4.03 -11.66 -5.92
C LEU A 158 -5.47 -11.23 -6.19
N PHE A 159 -6.30 -11.21 -5.13
CA PHE A 159 -7.73 -10.95 -5.26
C PHE A 159 -8.02 -9.46 -5.04
N ASN A 160 -7.46 -8.62 -5.91
CA ASN A 160 -7.58 -7.17 -5.73
C ASN A 160 -8.57 -6.61 -6.74
N PRO A 161 -9.80 -6.30 -6.33
CA PRO A 161 -10.82 -5.86 -7.30
C PRO A 161 -10.59 -4.46 -7.83
N ASP A 162 -9.51 -3.79 -7.44
CA ASP A 162 -9.21 -2.46 -7.93
C ASP A 162 -8.46 -2.50 -9.26
N SER A 163 -8.06 -3.68 -9.71
CA SER A 163 -7.36 -3.83 -10.98
C SER A 163 -8.20 -3.28 -12.12
N LYS A 164 -7.55 -2.64 -13.08
CA LYS A 164 -8.23 -1.93 -14.16
C LYS A 164 -8.62 -2.91 -15.26
N GLY A 165 -9.90 -2.92 -15.62
CA GLY A 165 -10.38 -3.70 -16.75
C GLY A 165 -11.13 -4.97 -16.41
N LEU A 166 -11.31 -5.28 -15.13
CA LEU A 166 -11.97 -6.52 -14.74
C LEU A 166 -13.40 -6.58 -15.27
N SER A 167 -13.86 -7.82 -15.51
CA SER A 167 -15.24 -8.03 -15.97
C SER A 167 -16.22 -8.07 -14.80
N ASN A 168 -15.80 -8.58 -13.66
CA ASN A 168 -16.68 -8.72 -12.49
C ASN A 168 -15.86 -8.46 -11.22
N PRO A 169 -15.68 -7.19 -10.86
CA PRO A 169 -14.94 -6.89 -9.63
C PRO A 169 -15.60 -7.40 -8.36
N ALA A 170 -16.92 -7.60 -8.37
CA ALA A 170 -17.62 -8.02 -7.15
C ALA A 170 -17.20 -9.42 -6.73
N GLU A 171 -17.15 -10.36 -7.68
CA GLU A 171 -16.68 -11.71 -7.37
C GLU A 171 -15.25 -11.68 -6.83
N VAL A 172 -14.40 -10.85 -7.42
CA VAL A 172 -13.03 -10.71 -6.92
C VAL A 172 -13.04 -10.14 -5.52
N GLU A 173 -13.90 -9.14 -5.27
CA GLU A 173 -14.00 -8.58 -3.93
C GLU A 173 -14.55 -9.60 -2.94
N ALA A 174 -15.55 -10.36 -3.36
CA ALA A 174 -16.11 -11.39 -2.49
C ALA A 174 -15.13 -12.55 -2.27
N LEU A 175 -14.29 -12.82 -3.27
CA LEU A 175 -13.22 -13.79 -3.07
C LEU A 175 -12.17 -13.26 -2.09
N ARG A 176 -11.81 -11.98 -2.21
CA ARG A 176 -10.91 -11.37 -1.25
C ARG A 176 -11.51 -11.40 0.15
N GLU A 177 -12.80 -11.07 0.26
CA GLU A 177 -13.45 -11.08 1.57
C GLU A 177 -13.44 -12.46 2.17
N LYS A 178 -13.57 -13.50 1.34
CA LYS A 178 -13.50 -14.86 1.85
C LYS A 178 -12.11 -15.20 2.34
N VAL A 179 -11.07 -14.58 1.77
CA VAL A 179 -9.70 -14.92 2.14
C VAL A 179 -9.36 -14.38 3.52
N TYR A 180 -9.54 -13.07 3.71
CA TYR A 180 -9.15 -12.50 4.99
C TYR A 180 -10.15 -12.83 6.11
N ALA A 181 -11.39 -13.17 5.75
CA ALA A 181 -12.30 -13.71 6.76
C ALA A 181 -11.80 -15.07 7.25
N SER A 182 -11.21 -15.85 6.35
CA SER A 182 -10.56 -17.09 6.74
C SER A 182 -9.24 -16.85 7.45
N LEU A 183 -8.50 -15.81 7.04
CA LEU A 183 -7.24 -15.49 7.71
C LEU A 183 -7.45 -15.00 9.13
N GLU A 184 -8.47 -14.17 9.36
CA GLU A 184 -8.76 -13.73 10.72
C GLU A 184 -9.08 -14.92 11.62
N ALA A 185 -9.75 -15.94 11.08
CA ALA A 185 -10.10 -17.10 11.89
C ALA A 185 -8.87 -17.94 12.21
N TYR A 186 -8.02 -18.17 11.20
CA TYR A 186 -6.77 -18.91 11.44
C TYR A 186 -5.95 -18.26 12.54
N CYS A 187 -5.88 -16.94 12.55
CA CYS A 187 -5.12 -16.24 13.58
C CYS A 187 -5.80 -16.39 14.94
N LYS A 188 -7.12 -16.26 15.00
CA LYS A 188 -7.81 -16.34 16.28
C LYS A 188 -7.73 -17.74 16.90
N HIS A 189 -7.71 -18.79 16.07
CA HIS A 189 -7.61 -20.13 16.62
C HIS A 189 -6.17 -20.55 16.87
N LYS A 190 -5.24 -20.22 15.97
CA LYS A 190 -3.87 -20.68 16.16
C LYS A 190 -3.08 -19.76 17.09
N TYR A 191 -3.30 -18.44 16.99
CA TYR A 191 -2.54 -17.46 17.76
C TYR A 191 -3.50 -16.66 18.66
N PRO A 192 -4.04 -17.29 19.70
CA PRO A 192 -4.91 -16.55 20.62
C PRO A 192 -4.15 -15.67 21.62
N GLU A 193 -2.83 -15.86 21.75
CA GLU A 193 -2.04 -15.00 22.62
C GLU A 193 -1.66 -13.68 21.96
N GLN A 194 -1.95 -13.50 20.67
CA GLN A 194 -1.70 -12.26 19.95
C GLN A 194 -2.99 -11.81 19.31
N PRO A 195 -3.80 -11.01 20.02
CA PRO A 195 -5.10 -10.60 19.44
C PRO A 195 -4.95 -9.72 18.21
N GLY A 196 -3.97 -8.83 18.19
CA GLY A 196 -3.77 -7.94 17.05
C GLY A 196 -2.92 -8.55 15.96
N ARG A 197 -2.75 -9.87 16.00
CA ARG A 197 -1.96 -10.55 14.98
C ARG A 197 -2.57 -10.39 13.60
N PHE A 198 -3.90 -10.32 13.52
CA PHE A 198 -4.57 -10.14 12.24
C PHE A 198 -4.17 -8.80 11.60
N ALA A 199 -4.18 -7.72 12.38
CA ALA A 199 -3.89 -6.40 11.85
C ALA A 199 -2.43 -6.28 11.41
N LYS A 200 -1.50 -6.80 12.23
CA LYS A 200 -0.08 -6.72 11.89
C LYS A 200 0.20 -7.31 10.52
N LEU A 201 -0.52 -8.38 10.16
CA LEU A 201 -0.36 -8.97 8.83
C LEU A 201 -0.87 -8.03 7.74
N LEU A 202 -2.11 -7.56 7.88
CA LEU A 202 -2.69 -6.66 6.89
C LEU A 202 -1.88 -5.38 6.76
N LEU A 203 -1.35 -4.86 7.87
CA LEU A 203 -0.56 -3.64 7.83
C LEU A 203 0.77 -3.80 7.12
N ARG A 204 1.12 -5.02 6.69
CA ARG A 204 2.29 -5.21 5.84
C ARG A 204 1.98 -5.03 4.37
N LEU A 205 0.69 -5.05 4.00
CA LEU A 205 0.30 -4.83 2.60
C LEU A 205 0.62 -3.44 2.08
N PRO A 206 0.47 -2.35 2.85
CA PRO A 206 0.87 -1.05 2.30
C PRO A 206 2.37 -0.95 2.05
N ALA A 207 3.19 -1.47 2.95
CA ALA A 207 4.63 -1.52 2.68
C ALA A 207 4.93 -2.27 1.38
N LEU A 208 4.11 -3.27 1.05
CA LEU A 208 4.36 -4.07 -0.15
C LEU A 208 4.02 -3.31 -1.42
N ARG A 209 2.83 -2.69 -1.47
CA ARG A 209 2.47 -1.86 -2.62
C ARG A 209 3.55 -0.84 -2.92
N SER A 210 4.10 -0.23 -1.86
CA SER A 210 5.21 0.71 -2.02
C SER A 210 6.42 0.04 -2.64
N ILE A 211 6.87 -1.08 -2.06
CA ILE A 211 8.06 -1.76 -2.56
C ILE A 211 7.86 -2.23 -3.99
N GLY A 212 6.72 -2.86 -4.26
CA GLY A 212 6.48 -3.40 -5.60
C GLY A 212 6.51 -2.32 -6.68
N LEU A 213 5.95 -1.16 -6.38
CA LEU A 213 5.98 -0.06 -7.35
C LEU A 213 7.41 0.42 -7.59
N LYS A 214 8.15 0.71 -6.51
CA LYS A 214 9.54 1.10 -6.68
C LYS A 214 10.36 0.00 -7.35
N CYS A 215 9.93 -1.25 -7.22
CA CYS A 215 10.62 -2.35 -7.90
C CYS A 215 10.28 -2.39 -9.38
N LEU A 216 9.10 -1.92 -9.79
CA LEU A 216 8.86 -1.72 -11.22
C LEU A 216 9.64 -0.53 -11.75
N GLU A 217 9.61 0.60 -11.04
CA GLU A 217 10.30 1.79 -11.51
C GLU A 217 11.79 1.54 -11.74
N HIS A 218 12.35 0.54 -11.07
CA HIS A 218 13.72 0.12 -11.33
C HIS A 218 13.78 -0.80 -12.54
N LEU A 219 12.98 -1.88 -12.53
CA LEU A 219 12.97 -2.84 -13.63
C LEU A 219 12.72 -2.15 -14.97
N PHE A 220 11.82 -1.18 -14.99
CA PHE A 220 11.55 -0.44 -16.22
C PHE A 220 12.79 0.30 -16.70
N PHE A 221 13.52 0.94 -15.78
CA PHE A 221 14.74 1.64 -16.19
C PHE A 221 15.79 0.67 -16.71
N PHE A 222 15.93 -0.49 -16.08
CA PHE A 222 16.85 -1.51 -16.58
C PHE A 222 16.47 -1.97 -17.98
N LYS A 223 15.23 -1.72 -18.40
CA LYS A 223 14.77 -2.08 -19.74
C LYS A 223 15.27 -1.11 -20.79
N LEU A 224 15.18 0.20 -20.52
CA LEU A 224 15.57 1.22 -21.50
C LEU A 224 17.02 1.04 -21.95
N ILE A 225 17.96 1.08 -21.00
CA ILE A 225 19.37 1.07 -21.35
C ILE A 225 19.75 -0.23 -22.06
N GLY A 226 19.15 -1.35 -21.64
CA GLY A 226 19.49 -2.63 -22.20
C GLY A 226 20.76 -3.25 -21.67
N ASP A 227 21.30 -2.74 -20.57
CA ASP A 227 22.50 -3.34 -19.98
C ASP A 227 22.20 -4.69 -19.37
N THR A 228 21.01 -4.88 -18.81
CA THR A 228 20.67 -6.13 -18.14
C THR A 228 19.91 -7.05 -19.08
N PRO A 229 20.35 -8.29 -19.24
CA PRO A 229 19.55 -9.27 -20.00
C PRO A 229 18.26 -9.59 -19.26
N ILE A 230 17.14 -9.39 -19.94
CA ILE A 230 15.81 -9.61 -19.39
C ILE A 230 15.15 -10.70 -20.22
N ASP A 231 14.84 -11.83 -19.59
CA ASP A 231 14.34 -12.99 -20.31
C ASP A 231 12.92 -12.76 -20.81
N THR A 232 12.38 -13.77 -21.49
CA THR A 232 11.17 -13.62 -22.29
C THR A 232 9.98 -13.18 -21.44
N PHE A 233 9.61 -14.05 -20.50
CA PHE A 233 8.43 -13.87 -19.62
C PHE A 233 8.47 -12.51 -18.91
N LEU A 234 9.65 -12.11 -18.41
CA LEU A 234 9.76 -10.86 -17.68
C LEU A 234 9.58 -9.65 -18.60
N MET A 235 10.08 -9.75 -19.84
CA MET A 235 9.80 -8.72 -20.84
C MET A 235 8.30 -8.48 -20.97
N GLU A 236 7.53 -9.56 -21.09
CA GLU A 236 6.09 -9.42 -21.31
C GLU A 236 5.42 -8.66 -20.17
N MET A 237 5.73 -9.04 -18.93
CA MET A 237 5.16 -8.32 -17.79
C MET A 237 5.58 -6.86 -17.78
N LEU A 238 6.73 -6.53 -18.35
CA LEU A 238 7.23 -5.18 -18.38
C LEU A 238 6.74 -4.41 -19.61
N GLU A 239 5.70 -4.90 -20.27
CA GLU A 239 4.95 -4.17 -21.28
C GLU A 239 4.61 -2.73 -20.87
N LYS B 1 -2.54 -10.90 -26.65
CA LYS B 1 -1.64 -9.78 -26.41
C LYS B 1 -0.55 -10.16 -25.40
N HIS B 2 -0.86 -11.12 -24.54
CA HIS B 2 0.05 -11.58 -23.49
C HIS B 2 0.34 -13.05 -23.75
N LYS B 3 1.23 -13.31 -24.71
CA LYS B 3 1.40 -14.66 -25.23
C LYS B 3 1.74 -15.66 -24.14
N ILE B 4 2.85 -15.45 -23.43
CA ILE B 4 3.31 -16.45 -22.48
C ILE B 4 2.37 -16.60 -21.30
N LEU B 5 1.51 -15.60 -21.03
CA LEU B 5 0.61 -15.72 -19.89
C LEU B 5 -0.68 -16.46 -20.24
N HIS B 6 -1.26 -16.19 -21.42
CA HIS B 6 -2.40 -16.98 -21.86
C HIS B 6 -2.04 -18.44 -22.03
N ARG B 7 -0.85 -18.72 -22.57
CA ARG B 7 -0.43 -20.09 -22.80
C ARG B 7 -0.18 -20.82 -21.49
N LEU B 8 0.35 -20.11 -20.50
CA LEU B 8 0.65 -20.73 -19.21
C LEU B 8 -0.61 -20.95 -18.37
N LEU B 9 -1.72 -20.29 -18.70
CA LEU B 9 -2.93 -20.39 -17.89
C LEU B 9 -3.87 -21.50 -18.32
N GLN B 10 -3.73 -22.02 -19.54
CA GLN B 10 -4.63 -23.06 -20.04
C GLN B 10 -4.06 -24.44 -19.79
N ASP B 11 -3.11 -24.86 -20.62
CA ASP B 11 -2.53 -26.20 -20.53
C ASP B 11 -3.57 -27.31 -20.49
N ASP C 12 -2.76 5.31 25.93
CA ASP C 12 -4.22 5.33 25.88
C ASP C 12 -4.70 6.12 24.67
N MET C 13 -5.54 5.49 23.86
CA MET C 13 -6.01 6.07 22.59
C MET C 13 -7.53 5.99 22.55
N PRO C 14 -8.23 6.85 23.29
CA PRO C 14 -9.69 6.84 23.24
C PRO C 14 -10.19 7.31 21.88
N VAL C 15 -11.08 6.52 21.29
CA VAL C 15 -11.59 6.80 19.96
C VAL C 15 -12.34 8.13 19.93
N GLU C 16 -12.68 8.67 21.10
CA GLU C 16 -13.35 9.95 21.19
C GLU C 16 -12.41 11.10 20.85
N LYS C 17 -11.19 11.06 21.39
CA LYS C 17 -10.23 12.14 21.12
C LYS C 17 -9.80 12.17 19.67
N ILE C 18 -9.73 11.01 19.02
CA ILE C 18 -9.35 10.97 17.61
C ILE C 18 -10.45 11.58 16.76
N LEU C 19 -11.72 11.34 17.12
CA LEU C 19 -12.83 11.97 16.41
C LEU C 19 -12.84 13.48 16.61
N GLU C 20 -12.35 13.96 17.76
CA GLU C 20 -12.25 15.40 17.97
C GLU C 20 -11.24 16.03 17.03
N ALA C 21 -10.05 15.41 16.90
CA ALA C 21 -9.02 15.94 16.02
C ALA C 21 -9.53 16.13 14.60
N GLU C 22 -10.33 15.19 14.12
CA GLU C 22 -10.87 15.30 12.76
C GLU C 22 -11.89 16.41 12.65
N LEU C 23 -12.65 16.65 13.73
CA LEU C 23 -13.71 17.65 13.68
C LEU C 23 -13.18 19.07 13.76
N ALA C 24 -11.98 19.26 14.30
CA ALA C 24 -11.39 20.59 14.41
C ALA C 24 -11.02 21.12 13.03
N ASN C 45 -9.36 28.47 -15.40
CA ASN C 45 -8.01 28.61 -14.88
C ASN C 45 -7.22 27.37 -15.25
N ASP C 46 -6.43 26.89 -14.30
CA ASP C 46 -5.77 25.60 -14.38
C ASP C 46 -6.23 24.75 -13.22
N PRO C 47 -6.92 23.63 -13.47
CA PRO C 47 -7.37 22.78 -12.35
C PRO C 47 -6.24 22.34 -11.43
N VAL C 48 -5.10 21.95 -11.99
CA VAL C 48 -3.98 21.47 -11.18
C VAL C 48 -3.45 22.58 -10.28
N THR C 49 -3.44 23.82 -10.77
CA THR C 49 -3.01 24.93 -9.94
C THR C 49 -3.96 25.12 -8.76
N ASN C 50 -5.27 25.04 -9.01
CA ASN C 50 -6.23 25.11 -7.93
C ASN C 50 -6.09 23.93 -6.97
N ILE C 51 -5.67 22.77 -7.47
CA ILE C 51 -5.42 21.63 -6.59
C ILE C 51 -4.16 21.86 -5.77
N CYS C 52 -3.17 22.56 -6.32
CA CYS C 52 -1.94 22.81 -5.59
C CYS C 52 -2.11 23.92 -4.55
N GLN C 53 -2.92 24.94 -4.87
CA GLN C 53 -3.23 25.96 -3.87
C GLN C 53 -3.92 25.35 -2.66
N ALA C 54 -4.72 24.30 -2.89
CA ALA C 54 -5.47 23.68 -1.81
C ALA C 54 -4.61 22.69 -1.02
N ALA C 55 -3.68 22.00 -1.69
CA ALA C 55 -2.76 21.12 -0.97
C ALA C 55 -1.91 21.92 0.01
N ASP C 56 -1.39 23.07 -0.43
CA ASP C 56 -0.59 23.91 0.45
C ASP C 56 -1.41 24.38 1.65
N LYS C 57 -2.67 24.75 1.42
CA LYS C 57 -3.51 25.25 2.50
C LYS C 57 -3.81 24.15 3.52
N GLN C 58 -4.20 22.97 3.04
CA GLN C 58 -4.54 21.87 3.94
C GLN C 58 -3.34 21.33 4.71
N LEU C 59 -2.12 21.56 4.20
CA LEU C 59 -0.93 21.15 4.94
C LEU C 59 -0.87 21.82 6.31
N PHE C 60 -1.28 23.09 6.39
CA PHE C 60 -1.43 23.75 7.67
C PHE C 60 -2.43 23.00 8.56
N THR C 61 -3.60 22.66 8.02
CA THR C 61 -4.61 21.97 8.80
C THR C 61 -4.14 20.59 9.24
N LEU C 62 -3.47 19.86 8.33
CA LEU C 62 -2.84 18.59 8.69
C LEU C 62 -1.99 18.72 9.95
N VAL C 63 -1.09 19.70 9.97
CA VAL C 63 -0.22 19.90 11.12
C VAL C 63 -1.05 20.13 12.38
N GLU C 64 -2.19 20.82 12.26
CA GLU C 64 -3.06 21.00 13.42
C GLU C 64 -3.76 19.70 13.78
N TRP C 65 -4.14 18.90 12.78
CA TRP C 65 -4.81 17.62 13.05
C TRP C 65 -3.92 16.69 13.86
N ALA C 66 -2.66 16.53 13.42
CA ALA C 66 -1.75 15.64 14.13
C ALA C 66 -1.56 16.04 15.59
N LYS C 67 -1.55 17.34 15.87
CA LYS C 67 -1.28 17.80 17.23
C LYS C 67 -2.38 17.36 18.20
N ARG C 68 -3.61 17.20 17.73
CA ARG C 68 -4.71 16.73 18.57
C ARG C 68 -4.82 15.21 18.61
N ILE C 69 -3.88 14.51 18.01
CA ILE C 69 -3.86 13.04 18.10
C ILE C 69 -3.25 12.65 19.43
N PRO C 70 -3.92 11.80 20.21
CA PRO C 70 -3.44 11.50 21.57
C PRO C 70 -2.01 11.00 21.55
N HIS C 71 -1.16 11.66 22.34
CA HIS C 71 0.26 11.38 22.53
C HIS C 71 1.13 11.78 21.34
N PHE C 72 0.60 12.52 20.36
CA PHE C 72 1.42 12.93 19.24
C PHE C 72 2.43 13.99 19.65
N SER C 73 1.94 15.12 20.16
CA SER C 73 2.79 16.25 20.51
C SER C 73 3.85 15.90 21.55
N GLU C 74 3.76 14.73 22.18
CA GLU C 74 4.71 14.32 23.19
C GLU C 74 5.95 13.64 22.62
N LEU C 75 6.06 13.55 21.30
CA LEU C 75 7.17 12.89 20.63
C LEU C 75 8.32 13.87 20.43
N PRO C 76 9.53 13.36 20.16
CA PRO C 76 10.63 14.26 19.77
C PRO C 76 10.35 14.83 18.38
N LEU C 77 10.53 16.15 18.24
CA LEU C 77 10.29 16.79 16.95
C LEU C 77 11.16 16.20 15.84
N ASP C 78 12.27 15.55 16.19
CA ASP C 78 12.98 14.71 15.23
C ASP C 78 12.04 13.70 14.59
N ASP C 79 11.18 13.08 15.40
CA ASP C 79 10.24 12.10 14.88
C ASP C 79 8.99 12.76 14.32
N GLN C 80 8.47 13.77 15.02
CA GLN C 80 7.26 14.47 14.57
C GLN C 80 7.41 14.94 13.14
N VAL C 81 8.55 15.54 12.80
CA VAL C 81 8.78 16.01 11.44
C VAL C 81 8.82 14.83 10.48
N ILE C 82 9.39 13.71 10.90
CA ILE C 82 9.53 12.56 10.02
C ILE C 82 8.17 11.94 9.73
N LEU C 83 7.33 11.81 10.77
CA LEU C 83 5.99 11.25 10.57
C LEU C 83 5.16 12.10 9.62
N LEU C 84 5.23 13.42 9.75
CA LEU C 84 4.44 14.29 8.88
C LEU C 84 5.06 14.41 7.48
N ARG C 85 6.39 14.36 7.38
CA ARG C 85 7.06 14.40 6.09
C ARG C 85 7.10 13.03 5.41
N ALA C 86 6.39 12.05 5.95
CA ALA C 86 6.28 10.74 5.33
C ALA C 86 4.84 10.34 5.03
N GLY C 87 3.87 11.22 5.29
CA GLY C 87 2.48 10.86 5.11
C GLY C 87 1.56 11.98 4.67
N TRP C 88 2.08 13.16 4.39
CA TRP C 88 1.21 14.27 3.98
C TRP C 88 0.43 13.92 2.72
N ASN C 89 1.12 13.34 1.73
CA ASN C 89 0.43 12.91 0.51
C ASN C 89 -0.65 11.88 0.81
N GLU C 90 -0.48 11.09 1.86
CA GLU C 90 -1.46 10.06 2.19
C GLU C 90 -2.51 10.55 3.17
N LEU C 91 -2.14 11.46 4.08
CA LEU C 91 -3.11 12.03 4.99
C LEU C 91 -4.02 13.04 4.28
N LEU C 92 -3.47 13.80 3.33
CA LEU C 92 -4.30 14.71 2.55
C LEU C 92 -5.18 13.96 1.56
N ALA C 93 -4.64 12.89 0.95
CA ALA C 93 -5.44 12.08 0.04
C ALA C 93 -6.69 11.55 0.73
N ALA C 94 -6.52 11.02 1.94
CA ALA C 94 -7.66 10.49 2.68
C ALA C 94 -8.66 11.60 3.01
N SER C 95 -8.17 12.74 3.50
CA SER C 95 -9.05 13.83 3.91
C SER C 95 -9.94 14.28 2.76
N ALA C 96 -9.34 14.76 1.66
CA ALA C 96 -10.12 15.24 0.53
C ALA C 96 -10.98 14.15 -0.08
N SER C 97 -10.57 12.88 0.07
CA SER C 97 -11.38 11.79 -0.43
C SER C 97 -12.68 11.67 0.36
N HIS C 98 -12.61 11.80 1.70
CA HIS C 98 -13.81 11.64 2.52
C HIS C 98 -14.74 12.83 2.38
N ARG C 99 -14.20 14.04 2.20
CA ARG C 99 -15.05 15.19 1.90
C ARG C 99 -15.92 14.91 0.69
N SER C 100 -15.38 14.19 -0.29
CA SER C 100 -15.99 14.03 -1.60
C SER C 100 -16.96 12.85 -1.67
N ILE C 101 -17.28 12.21 -0.54
CA ILE C 101 -18.25 11.12 -0.60
C ILE C 101 -19.64 11.62 -0.95
N ALA C 102 -19.88 12.92 -0.71
CA ALA C 102 -21.19 13.55 -1.02
C ALA C 102 -21.27 13.84 -2.52
N VAL C 103 -20.20 14.39 -3.10
CA VAL C 103 -20.15 14.71 -4.56
C VAL C 103 -19.56 13.51 -5.31
N LYS C 104 -20.43 12.60 -5.77
CA LYS C 104 -19.98 11.39 -6.51
C LYS C 104 -19.69 11.76 -7.97
N ASP C 105 -19.07 12.92 -8.19
CA ASP C 105 -18.74 13.36 -9.54
C ASP C 105 -17.23 13.61 -9.68
N GLY C 106 -16.70 14.38 -8.75
CA GLY C 106 -15.27 14.67 -8.72
C GLY C 106 -14.78 14.81 -7.30
N ILE C 107 -13.93 15.80 -7.06
CA ILE C 107 -13.32 16.01 -5.75
C ILE C 107 -13.79 17.35 -5.19
N LEU C 108 -14.14 17.36 -3.91
CA LEU C 108 -14.35 18.60 -3.18
C LEU C 108 -13.02 19.04 -2.57
N LEU C 109 -12.54 20.22 -2.98
CA LEU C 109 -11.29 20.75 -2.48
C LEU C 109 -11.51 21.51 -1.18
N THR C 110 -10.42 21.72 -0.44
CA THR C 110 -10.49 22.42 0.83
C THR C 110 -10.87 23.90 0.67
N THR C 111 -10.86 24.43 -0.55
CA THR C 111 -11.14 25.83 -0.80
C THR C 111 -12.57 26.07 -1.26
N GLY C 112 -13.38 25.02 -1.41
CA GLY C 112 -14.74 25.15 -1.88
C GLY C 112 -14.93 24.86 -3.35
N LEU C 113 -13.84 24.80 -4.13
CA LEU C 113 -13.95 24.45 -5.53
C LEU C 113 -14.12 22.95 -5.70
N HIS C 114 -14.98 22.57 -6.64
CA HIS C 114 -15.14 21.18 -7.04
C HIS C 114 -14.39 20.95 -8.35
N VAL C 115 -13.49 19.98 -8.37
CA VAL C 115 -12.81 19.55 -9.58
C VAL C 115 -13.52 18.30 -10.08
N HIS C 116 -14.02 18.37 -11.31
CA HIS C 116 -14.78 17.28 -11.89
C HIS C 116 -13.90 16.43 -12.79
N ARG C 117 -14.36 15.21 -13.07
CA ARG C 117 -13.60 14.28 -13.88
C ARG C 117 -13.18 14.89 -15.21
N ASN C 118 -14.05 15.71 -15.80
CA ASN C 118 -13.75 16.31 -17.09
C ASN C 118 -12.60 17.31 -16.99
N SER C 119 -12.65 18.18 -15.98
CA SER C 119 -11.58 19.16 -15.81
C SER C 119 -10.23 18.49 -15.58
N ALA C 120 -10.22 17.41 -14.80
CA ALA C 120 -8.97 16.69 -14.55
C ALA C 120 -8.50 15.95 -15.80
N HIS C 121 -9.43 15.36 -16.54
CA HIS C 121 -9.06 14.69 -17.79
C HIS C 121 -8.61 15.69 -18.83
N SER C 122 -9.38 16.77 -19.01
CA SER C 122 -9.02 17.79 -20.00
C SER C 122 -7.73 18.52 -19.65
N ALA C 123 -7.27 18.43 -18.39
CA ALA C 123 -6.03 19.07 -17.96
C ALA C 123 -4.86 18.10 -17.87
N GLY C 124 -5.05 16.84 -18.23
CA GLY C 124 -3.95 15.89 -18.31
C GLY C 124 -3.64 15.12 -17.04
N VAL C 125 -4.52 15.15 -16.04
CA VAL C 125 -4.34 14.37 -14.83
C VAL C 125 -5.49 13.38 -14.63
N GLY C 126 -6.18 13.04 -15.72
CA GLY C 126 -7.32 12.15 -15.61
C GLY C 126 -6.99 10.78 -15.06
N ALA C 127 -5.79 10.27 -15.35
CA ALA C 127 -5.42 8.93 -14.91
C ALA C 127 -5.43 8.81 -13.40
N ILE C 128 -4.61 9.62 -12.73
CA ILE C 128 -4.55 9.56 -11.27
C ILE C 128 -5.86 10.04 -10.65
N PHE C 129 -6.59 10.92 -11.33
CA PHE C 129 -7.83 11.45 -10.78
C PHE C 129 -8.94 10.41 -10.79
N ASP C 130 -8.94 9.50 -11.78
CA ASP C 130 -9.94 8.44 -11.80
C ASP C 130 -9.70 7.42 -10.70
N ARG C 131 -8.43 7.12 -10.40
CA ARG C 131 -8.12 6.22 -9.30
C ARG C 131 -8.71 6.72 -7.99
N VAL C 132 -8.50 8.02 -7.70
CA VAL C 132 -9.01 8.60 -6.46
C VAL C 132 -10.50 8.39 -6.33
N LEU C 133 -11.24 8.74 -7.39
CA LEU C 133 -12.68 8.51 -7.37
C LEU C 133 -13.00 7.03 -7.24
N THR C 134 -12.26 6.19 -7.97
CA THR C 134 -12.56 4.75 -7.98
C THR C 134 -12.13 4.07 -6.70
N GLU C 135 -10.88 4.29 -6.28
CA GLU C 135 -10.28 3.50 -5.22
C GLU C 135 -10.54 4.06 -3.83
N LEU C 136 -10.97 5.31 -3.71
CA LEU C 136 -11.17 5.90 -2.39
C LEU C 136 -12.55 6.53 -2.23
N VAL C 137 -12.84 7.58 -3.01
CA VAL C 137 -14.07 8.34 -2.84
C VAL C 137 -15.30 7.44 -2.91
N SER C 138 -15.34 6.55 -3.91
CA SER C 138 -16.51 5.70 -4.08
C SER C 138 -16.50 4.50 -3.15
N LYS C 139 -15.32 3.94 -2.83
CA LYS C 139 -15.25 2.86 -1.86
C LYS C 139 -15.74 3.32 -0.49
N MET C 140 -15.33 4.52 -0.06
CA MET C 140 -15.77 5.03 1.23
C MET C 140 -17.26 5.34 1.24
N ARG C 141 -17.83 5.68 0.09
CA ARG C 141 -19.27 5.90 0.02
C ARG C 141 -20.04 4.59 0.20
N ASP C 142 -19.61 3.53 -0.49
CA ASP C 142 -20.39 2.30 -0.52
C ASP C 142 -20.41 1.62 0.83
N MET C 143 -19.30 1.68 1.59
CA MET C 143 -19.29 1.09 2.91
C MET C 143 -19.73 2.05 4.01
N GLN C 144 -20.12 3.27 3.64
CA GLN C 144 -20.64 4.26 4.59
C GLN C 144 -19.63 4.55 5.70
N MET C 145 -18.37 4.74 5.30
CA MET C 145 -17.33 5.08 6.27
C MET C 145 -17.63 6.42 6.92
N ASP C 146 -17.55 6.46 8.24
CA ASP C 146 -17.85 7.65 9.01
C ASP C 146 -16.58 8.42 9.36
N LYS C 147 -16.76 9.52 10.08
CA LYS C 147 -15.65 10.41 10.43
C LYS C 147 -14.75 9.85 11.52
N THR C 148 -15.19 8.80 12.23
CA THR C 148 -14.35 8.21 13.25
C THR C 148 -13.38 7.19 12.67
N GLU C 149 -13.88 6.30 11.81
CA GLU C 149 -13.01 5.33 11.15
C GLU C 149 -11.99 6.01 10.25
N LEU C 150 -12.33 7.18 9.70
CA LEU C 150 -11.36 7.94 8.91
C LEU C 150 -10.27 8.52 9.78
N GLY C 151 -10.64 9.10 10.93
CA GLY C 151 -9.64 9.62 11.84
C GLY C 151 -8.70 8.54 12.34
N CYS C 152 -9.25 7.36 12.62
CA CYS C 152 -8.41 6.23 13.00
C CYS C 152 -7.48 5.84 11.87
N LEU C 153 -8.00 5.75 10.65
CA LEU C 153 -7.19 5.34 9.51
C LEU C 153 -6.10 6.36 9.19
N ARG C 154 -6.43 7.66 9.23
CA ARG C 154 -5.40 8.69 9.08
C ARG C 154 -4.39 8.63 10.21
N ALA C 155 -4.84 8.38 11.45
CA ALA C 155 -3.93 8.27 12.56
C ALA C 155 -3.02 7.05 12.43
N ILE C 156 -3.54 5.96 11.85
CA ILE C 156 -2.70 4.79 11.58
C ILE C 156 -1.64 5.12 10.54
N VAL C 157 -2.02 5.86 9.50
CA VAL C 157 -1.04 6.32 8.50
C VAL C 157 -0.01 7.22 9.17
N LEU C 158 -0.46 8.10 10.07
CA LEU C 158 0.44 9.06 10.71
C LEU C 158 1.56 8.36 11.46
N PHE C 159 1.22 7.38 12.30
CA PHE C 159 2.21 6.67 13.12
C PHE C 159 2.90 5.58 12.32
N ASN C 160 3.66 5.98 11.30
CA ASN C 160 4.40 4.99 10.50
C ASN C 160 5.74 4.67 11.14
N PRO C 161 5.91 3.47 11.70
CA PRO C 161 7.20 3.13 12.31
C PRO C 161 8.26 2.78 11.29
N ASP C 162 7.89 2.68 10.01
CA ASP C 162 8.82 2.35 8.94
C ASP C 162 9.48 3.58 8.34
N SER C 163 9.38 4.73 9.00
CA SER C 163 9.90 5.97 8.47
C SER C 163 11.37 6.10 8.85
N LYS C 164 12.24 6.20 7.84
CA LYS C 164 13.68 6.17 8.07
C LYS C 164 14.12 7.27 9.02
N GLY C 165 15.03 6.94 9.92
CA GLY C 165 15.60 7.92 10.81
C GLY C 165 14.80 8.26 12.05
N LEU C 166 13.71 7.55 12.31
CA LEU C 166 13.00 7.76 13.57
C LEU C 166 13.90 7.47 14.75
N SER C 167 13.76 8.30 15.80
CA SER C 167 14.53 8.07 17.01
C SER C 167 14.18 6.74 17.64
N ASN C 168 12.90 6.39 17.65
CA ASN C 168 12.43 5.14 18.25
C ASN C 168 11.23 4.64 17.47
N PRO C 169 11.43 3.74 16.51
CA PRO C 169 10.28 3.17 15.78
C PRO C 169 9.39 2.31 16.65
N ALA C 170 9.89 1.81 17.78
CA ALA C 170 9.07 0.94 18.64
C ALA C 170 7.95 1.72 19.32
N GLU C 171 8.26 2.92 19.81
CA GLU C 171 7.23 3.74 20.43
C GLU C 171 6.18 4.19 19.41
N VAL C 172 6.60 4.43 18.16
CA VAL C 172 5.65 4.75 17.11
C VAL C 172 4.70 3.59 16.88
N GLU C 173 5.24 2.39 16.69
CA GLU C 173 4.37 1.24 16.47
C GLU C 173 3.53 0.93 17.71
N ALA C 174 4.07 1.20 18.89
CA ALA C 174 3.25 1.08 20.11
C ALA C 174 2.00 1.93 20.00
N LEU C 175 2.14 3.18 19.56
CA LEU C 175 0.97 4.03 19.33
C LEU C 175 0.13 3.52 18.17
N ARG C 176 0.76 2.94 17.14
CA ARG C 176 0.02 2.42 16.00
C ARG C 176 -0.91 1.28 16.40
N GLU C 177 -0.41 0.35 17.22
CA GLU C 177 -1.24 -0.76 17.66
C GLU C 177 -2.35 -0.29 18.58
N LYS C 178 -2.08 0.73 19.39
CA LYS C 178 -3.12 1.30 20.23
C LYS C 178 -4.29 1.83 19.40
N VAL C 179 -4.01 2.25 18.16
CA VAL C 179 -5.04 2.91 17.36
C VAL C 179 -6.01 1.88 16.76
N TYR C 180 -5.49 0.93 15.98
CA TYR C 180 -6.38 -0.06 15.37
C TYR C 180 -7.05 -0.92 16.43
N ALA C 181 -6.50 -0.98 17.64
CA ALA C 181 -7.19 -1.62 18.76
C ALA C 181 -8.50 -0.88 19.05
N SER C 182 -8.44 0.44 19.13
CA SER C 182 -9.64 1.23 19.36
C SER C 182 -10.59 1.22 18.17
N LEU C 183 -10.13 0.75 17.01
CA LEU C 183 -10.95 0.75 15.81
C LEU C 183 -11.72 -0.56 15.65
N GLU C 184 -11.06 -1.70 15.84
CA GLU C 184 -11.78 -2.97 15.87
C GLU C 184 -12.83 -2.98 16.98
N ALA C 185 -12.49 -2.41 18.13
CA ALA C 185 -13.46 -2.29 19.21
C ALA C 185 -14.62 -1.39 18.79
N TYR C 186 -14.31 -0.26 18.15
CA TYR C 186 -15.36 0.64 17.67
C TYR C 186 -16.17 -0.01 16.56
N CYS C 187 -15.50 -0.76 15.67
CA CYS C 187 -16.22 -1.46 14.61
C CYS C 187 -17.16 -2.51 15.17
N LYS C 188 -16.68 -3.33 16.09
CA LYS C 188 -17.48 -4.45 16.59
C LYS C 188 -18.69 -3.99 17.39
N HIS C 189 -18.61 -2.81 18.03
CA HIS C 189 -19.73 -2.33 18.82
C HIS C 189 -20.71 -1.50 17.99
N LYS C 190 -20.19 -0.55 17.20
CA LYS C 190 -21.08 0.29 16.40
C LYS C 190 -21.58 -0.44 15.16
N TYR C 191 -20.75 -1.27 14.53
CA TYR C 191 -21.13 -2.06 13.38
C TYR C 191 -20.96 -3.54 13.68
N PRO C 192 -21.84 -4.12 14.52
CA PRO C 192 -21.86 -5.57 14.67
C PRO C 192 -22.46 -6.22 13.43
N GLU C 193 -22.46 -7.56 13.37
CA GLU C 193 -22.95 -8.28 12.20
C GLU C 193 -22.22 -7.83 10.93
N GLN C 194 -21.06 -7.19 11.08
CA GLN C 194 -20.17 -6.85 9.97
C GLN C 194 -18.74 -7.18 10.38
N PRO C 195 -18.44 -8.47 10.63
CA PRO C 195 -17.15 -8.82 11.23
C PRO C 195 -15.96 -8.35 10.41
N GLY C 196 -16.09 -8.27 9.09
CA GLY C 196 -14.98 -7.89 8.23
C GLY C 196 -14.97 -6.43 7.86
N ARG C 197 -15.67 -5.58 8.61
CA ARG C 197 -15.59 -4.15 8.34
C ARG C 197 -14.28 -3.55 8.84
N PHE C 198 -13.77 -4.06 9.96
CA PHE C 198 -12.47 -3.60 10.44
C PHE C 198 -11.33 -3.96 9.49
N ALA C 199 -11.44 -5.10 8.82
CA ALA C 199 -10.44 -5.47 7.82
C ALA C 199 -10.67 -4.74 6.51
N LYS C 200 -11.93 -4.55 6.10
CA LYS C 200 -12.25 -3.79 4.90
C LYS C 200 -11.65 -2.40 4.95
N LEU C 201 -11.69 -1.76 6.14
CA LEU C 201 -11.09 -0.44 6.30
C LEU C 201 -9.58 -0.47 6.08
N LEU C 202 -8.89 -1.46 6.63
CA LEU C 202 -7.44 -1.50 6.53
C LEU C 202 -6.96 -1.87 5.14
N LEU C 203 -7.83 -2.44 4.30
CA LEU C 203 -7.46 -2.80 2.94
C LEU C 203 -7.65 -1.65 1.96
N ARG C 204 -7.83 -0.43 2.46
CA ARG C 204 -7.73 0.82 1.71
C ARG C 204 -6.42 1.54 1.93
N LEU C 205 -5.61 1.10 2.89
CA LEU C 205 -4.29 1.67 3.16
C LEU C 205 -3.29 1.34 2.05
N PRO C 206 -3.32 0.14 1.46
CA PRO C 206 -2.44 -0.08 0.29
C PRO C 206 -2.79 0.81 -0.90
N ALA C 207 -4.08 0.92 -1.23
CA ALA C 207 -4.49 1.83 -2.29
C ALA C 207 -4.07 3.27 -1.97
N LEU C 208 -4.34 3.70 -0.73
CA LEU C 208 -3.99 5.05 -0.31
C LEU C 208 -2.52 5.35 -0.55
N ARG C 209 -1.65 4.37 -0.33
CA ARG C 209 -0.23 4.58 -0.54
C ARG C 209 0.11 4.59 -2.03
N SER C 210 -0.47 3.66 -2.79
CA SER C 210 -0.28 3.65 -4.24
C SER C 210 -0.59 5.01 -4.84
N ILE C 211 -1.71 5.60 -4.42
CA ILE C 211 -2.07 6.95 -4.89
C ILE C 211 -1.11 7.98 -4.32
N GLY C 212 -0.81 7.88 -3.02
CA GLY C 212 0.03 8.87 -2.37
C GLY C 212 1.38 9.05 -3.03
N LEU C 213 2.00 7.95 -3.44
CA LEU C 213 3.28 8.05 -4.14
C LEU C 213 3.11 8.56 -5.56
N LYS C 214 1.96 8.29 -6.18
CA LYS C 214 1.74 8.79 -7.54
C LYS C 214 1.56 10.30 -7.56
N CYS C 215 1.02 10.88 -6.49
CA CYS C 215 0.90 12.34 -6.43
C CYS C 215 2.25 12.99 -6.16
N LEU C 216 3.11 12.33 -5.36
CA LEU C 216 4.48 12.79 -5.22
C LEU C 216 5.18 12.89 -6.57
N GLU C 217 5.27 11.77 -7.29
CA GLU C 217 5.89 11.79 -8.61
C GLU C 217 5.25 12.84 -9.51
N HIS C 218 3.92 12.94 -9.45
CA HIS C 218 3.24 13.99 -10.21
C HIS C 218 3.67 15.37 -9.73
N LEU C 219 3.66 15.58 -8.42
CA LEU C 219 4.03 16.88 -7.87
C LEU C 219 5.50 17.21 -8.13
N PHE C 220 6.40 16.25 -7.88
CA PHE C 220 7.81 16.44 -8.23
C PHE C 220 7.96 16.87 -9.68
N PHE C 221 7.14 16.33 -10.57
CA PHE C 221 7.24 16.65 -11.99
C PHE C 221 6.81 18.09 -12.27
N PHE C 222 5.70 18.52 -11.67
CA PHE C 222 5.25 19.90 -11.86
C PHE C 222 6.31 20.89 -11.39
N LYS C 223 7.01 20.56 -10.31
CA LYS C 223 8.10 21.41 -9.84
C LYS C 223 9.26 21.40 -10.83
N LEU C 224 9.58 20.23 -11.39
CA LEU C 224 10.69 20.13 -12.33
C LEU C 224 10.45 20.99 -13.56
N ILE C 225 9.31 20.81 -14.23
CA ILE C 225 8.99 21.63 -15.39
C ILE C 225 8.94 23.11 -15.01
N GLY C 226 8.49 23.41 -13.79
CA GLY C 226 8.62 24.75 -13.24
C GLY C 226 7.67 25.79 -13.78
N ASP C 227 6.79 25.45 -14.72
CA ASP C 227 5.79 26.38 -15.21
C ASP C 227 4.41 26.08 -14.63
N THR C 228 4.36 25.58 -13.41
CA THR C 228 3.12 25.33 -12.68
C THR C 228 3.32 25.89 -11.28
N PRO C 229 2.51 26.85 -10.84
CA PRO C 229 2.74 27.50 -9.54
C PRO C 229 2.69 26.51 -8.39
N ILE C 230 3.55 26.77 -7.39
CA ILE C 230 3.62 25.97 -6.16
C ILE C 230 3.89 26.91 -5.01
N ASP C 231 3.13 26.77 -3.93
CA ASP C 231 3.21 27.70 -2.80
C ASP C 231 4.38 27.32 -1.89
N THR C 232 4.55 28.08 -0.81
CA THR C 232 5.78 27.99 -0.01
C THR C 232 5.85 26.71 0.80
N PHE C 233 4.75 26.35 1.49
CA PHE C 233 4.79 25.18 2.35
C PHE C 233 4.89 23.89 1.54
N LEU C 234 4.28 23.85 0.36
CA LEU C 234 4.33 22.65 -0.48
C LEU C 234 5.75 22.35 -0.94
N MET C 235 6.63 23.34 -0.99
CA MET C 235 8.01 23.08 -1.39
C MET C 235 8.83 22.51 -0.25
N GLU C 236 8.67 23.03 0.96
CA GLU C 236 9.37 22.48 2.12
C GLU C 236 9.06 20.99 2.29
N MET C 237 7.89 20.55 1.84
CA MET C 237 7.53 19.15 1.94
C MET C 237 8.05 18.33 0.77
N LEU C 238 8.51 18.99 -0.29
CA LEU C 238 9.18 18.33 -1.42
C LEU C 238 10.69 18.46 -1.29
N GLU C 239 11.18 18.34 -0.05
CA GLU C 239 12.54 18.70 0.36
C GLU C 239 12.80 20.20 0.18
N HIS D 2 13.96 23.20 6.86
CA HIS D 2 12.82 22.83 7.69
C HIS D 2 12.46 23.93 8.69
N LYS D 3 11.91 25.04 8.18
CA LYS D 3 11.49 26.13 9.06
C LYS D 3 9.99 26.10 9.33
N ILE D 4 9.17 26.20 8.28
CA ILE D 4 7.73 26.39 8.49
C ILE D 4 7.15 25.18 9.23
N LEU D 5 7.67 23.99 8.94
CA LEU D 5 7.16 22.79 9.62
C LEU D 5 7.53 22.81 11.09
N HIS D 6 8.77 23.19 11.42
CA HIS D 6 9.17 23.31 12.82
C HIS D 6 8.30 24.33 13.55
N ARG D 7 8.22 25.55 13.01
CA ARG D 7 7.49 26.63 13.67
C ARG D 7 6.02 26.26 13.87
N LEU D 8 5.39 25.65 12.85
CA LEU D 8 3.97 25.32 12.91
C LEU D 8 3.63 24.36 14.04
N LEU D 9 4.63 23.79 14.71
CA LEU D 9 4.41 22.80 15.75
C LEU D 9 4.45 23.37 17.16
N GLN D 10 4.80 24.65 17.32
CA GLN D 10 4.84 25.28 18.63
C GLN D 10 3.64 26.19 18.84
O1 BM6 E . 12.56 -14.60 -5.46
O2 BM6 E . 13.61 -14.72 -7.41
O3 BM6 E . 10.46 -8.18 -6.63
O4 BM6 E . 10.76 -8.54 -8.86
C1 BM6 E . 12.97 -14.09 -6.58
C2 BM6 E . 12.61 -12.68 -6.82
C3 BM6 E . 11.52 -12.10 -6.15
C4 BM6 E . 11.15 -10.80 -6.39
C5 BM6 E . 11.85 -10.01 -7.30
C6 BM6 E . 12.94 -10.57 -7.95
C7 BM6 E . 13.32 -11.88 -7.71
C8 BM6 E . 11.42 -8.59 -7.59
C9 BM6 E . 12.58 -7.62 -7.59
C10 BM6 E . 12.99 -6.97 -8.75
C11 BM6 E . 14.02 -6.05 -8.72
C12 BM6 E . 14.68 -5.76 -7.54
C13 BM6 E . 14.29 -6.41 -6.36
C14 BM6 E . 13.25 -7.33 -6.41
C15 BM6 E . 14.94 -6.13 -5.00
C16 BM6 E . 15.59 -4.74 -5.01
C17 BM6 E . 16.52 -4.62 -6.22
C18 BM6 E . 15.81 -4.71 -7.58
C19 BM6 E . 9.62 -7.26 -7.30
C20 BM6 E . 9.58 -7.75 -8.71
C21 BM6 E . 13.88 -6.20 -3.89
C22 BM6 E . 16.03 -7.17 -4.71
C23 BM6 E . 16.83 -5.09 -8.65
C24 BM6 E . 15.23 -3.34 -7.93
O1 BM6 F . -7.66 19.17 0.58
O2 BM6 F . -7.89 20.34 -1.30
O3 BM6 F . -3.41 14.70 -2.43
O4 BM6 F . -1.96 16.47 -2.42
C1 BM6 F . -7.36 19.44 -0.65
C2 BM6 F . -6.30 18.57 -1.24
C3 BM6 F . -6.12 17.27 -0.79
C4 BM6 F . -5.14 16.46 -1.34
C5 BM6 F . -4.31 16.92 -2.36
C6 BM6 F . -4.50 18.22 -2.82
C7 BM6 F . -5.47 19.03 -2.26
C8 BM6 F . -3.22 16.03 -2.91
C9 BM6 F . -3.18 16.00 -4.43
C10 BM6 F . -2.14 16.61 -5.13
C11 BM6 F . -2.09 16.54 -6.51
C12 BM6 F . -3.06 15.87 -7.24
C13 BM6 F . -4.12 15.25 -6.55
C14 BM6 F . -4.16 15.34 -5.17
C15 BM6 F . -5.20 14.45 -7.26
C16 BM6 F . -4.85 14.22 -8.74
C17 BM6 F . -4.27 15.47 -9.40
C18 BM6 F . -2.92 15.83 -8.76
C19 BM6 F . -2.13 14.22 -2.04
C20 BM6 F . -1.43 15.45 -1.58
C21 BM6 F . -5.33 13.07 -6.60
C22 BM6 F . -6.56 15.17 -7.16
C23 BM6 F . -2.48 17.20 -9.29
C24 BM6 F . -1.88 14.79 -9.18
#